data_3F21
#
_entry.id   3F21
#
_cell.length_a   87.365
_cell.length_b   87.365
_cell.length_c   72.973
_cell.angle_alpha   90.00
_cell.angle_beta   90.00
_cell.angle_gamma   90.00
#
_symmetry.space_group_name_H-M   'P 4 21 2'
#
loop_
_entity.id
_entity.type
_entity.pdbx_description
1 polymer 'Double-stranded RNA-specific adenosine deaminase'
2 polymer "DNA (5'-D(*DTP*DCP*DAP*DCP*DGP*DTP*DG)-3')"
3 water water
#
loop_
_entity_poly.entity_id
_entity_poly.type
_entity_poly.pdbx_seq_one_letter_code
_entity_poly.pdbx_strand_id
1 'polypeptide(L)'
;GSHMLSIYQDQEQRILKFLEELGEGKATTAHDLSGKLGTPKKEINRVLYSLAKKGKLQKEAGTPPLWKIAVSTQAWNQHS
G
;
A,B,C
2 'polydeoxyribonucleotide' (DT)(DC)(DA)(DC)(DG)(DT)(DG) D,E,F
#
loop_
_chem_comp.id
_chem_comp.type
_chem_comp.name
_chem_comp.formula
DA DNA linking 2'-DEOXYADENOSINE-5'-MONOPHOSPHATE 'C10 H14 N5 O6 P'
DC DNA linking 2'-DEOXYCYTIDINE-5'-MONOPHOSPHATE 'C9 H14 N3 O7 P'
DG DNA linking 2'-DEOXYGUANOSINE-5'-MONOPHOSPHATE 'C10 H14 N5 O7 P'
DT DNA linking THYMIDINE-5'-MONOPHOSPHATE 'C10 H15 N2 O8 P'
#
# COMPACT_ATOMS: atom_id res chain seq x y z
N LEU A 5 20.34 -32.27 -4.52
CA LEU A 5 21.29 -31.17 -4.82
C LEU A 5 20.84 -30.27 -5.95
N SER A 6 19.55 -29.97 -6.04
CA SER A 6 19.05 -29.08 -7.10
C SER A 6 19.29 -27.62 -6.71
N ILE A 7 19.02 -26.71 -7.63
CA ILE A 7 19.22 -25.29 -7.35
C ILE A 7 18.19 -24.82 -6.31
N TYR A 8 16.98 -25.35 -6.39
CA TYR A 8 15.93 -24.99 -5.45
C TYR A 8 16.29 -25.52 -4.05
N GLN A 9 16.79 -26.75 -4.00
CA GLN A 9 17.19 -27.33 -2.72
C GLN A 9 18.33 -26.52 -2.13
N ASP A 10 19.28 -26.08 -2.96
CA ASP A 10 20.40 -25.26 -2.46
C ASP A 10 19.82 -24.02 -1.75
N GLN A 11 18.76 -23.43 -2.33
CA GLN A 11 18.12 -22.22 -1.78
C GLN A 11 17.46 -22.53 -0.43
N GLU A 12 16.74 -23.65 -0.37
CA GLU A 12 16.10 -24.10 0.85
C GLU A 12 17.16 -24.33 1.91
N GLN A 13 18.28 -24.93 1.51
CA GLN A 13 19.39 -25.19 2.45
C GLN A 13 20.03 -23.92 2.97
N ARG A 14 20.15 -22.95 2.08
CA ARG A 14 20.77 -21.68 2.42
C ARG A 14 19.92 -21.00 3.51
N ILE A 15 18.61 -21.06 3.35
CA ILE A 15 17.71 -20.47 4.31
C ILE A 15 17.71 -21.25 5.61
N LEU A 16 17.61 -22.58 5.50
CA LEU A 16 17.61 -23.43 6.69
C LEU A 16 18.89 -23.23 7.47
N LYS A 17 20.01 -23.10 6.76
CA LYS A 17 21.31 -22.91 7.43
C LYS A 17 21.38 -21.56 8.13
N PHE A 18 20.86 -20.53 7.47
CA PHE A 18 20.87 -19.20 8.05
C PHE A 18 20.11 -19.21 9.37
N LEU A 19 18.90 -19.78 9.35
CA LEU A 19 18.07 -19.85 10.55
C LEU A 19 18.65 -20.74 11.66
N GLU A 20 19.35 -21.81 11.27
CA GLU A 20 19.93 -22.71 12.26
C GLU A 20 21.07 -22.02 12.99
N GLU A 21 21.82 -21.19 12.28
CA GLU A 21 22.96 -20.49 12.86
C GLU A 21 22.52 -19.23 13.58
N LEU A 22 21.22 -19.08 13.72
CA LEU A 22 20.63 -17.94 14.38
C LEU A 22 20.73 -18.10 15.90
N GLY A 23 20.37 -19.27 16.38
CA GLY A 23 20.42 -19.52 17.80
C GLY A 23 19.27 -20.35 18.30
N GLU A 24 19.05 -20.32 19.62
CA GLU A 24 17.98 -21.07 20.25
C GLU A 24 16.61 -20.66 19.76
N GLY A 25 16.04 -19.63 20.38
CA GLY A 25 14.72 -19.20 19.97
C GLY A 25 14.71 -17.94 19.15
N LYS A 26 15.87 -17.52 18.63
CA LYS A 26 15.93 -16.31 17.83
C LYS A 26 15.23 -16.49 16.50
N ALA A 27 14.47 -15.48 16.10
CA ALA A 27 13.76 -15.55 14.85
C ALA A 27 14.19 -14.36 14.01
N THR A 28 13.82 -14.36 12.74
CA THR A 28 14.17 -13.25 11.89
C THR A 28 13.04 -13.02 10.90
N THR A 29 13.09 -11.89 10.20
CA THR A 29 12.03 -11.57 9.26
C THR A 29 12.39 -12.01 7.84
N ALA A 30 11.39 -12.06 6.97
CA ALA A 30 11.65 -12.44 5.59
C ALA A 30 12.49 -11.29 4.99
N HIS A 31 12.23 -10.08 5.44
CA HIS A 31 12.94 -8.91 4.96
C HIS A 31 14.46 -9.03 5.19
N ASP A 32 14.84 -9.41 6.41
CA ASP A 32 16.25 -9.56 6.77
C ASP A 32 16.87 -10.69 5.95
N LEU A 33 16.20 -11.82 5.91
CA LEU A 33 16.66 -12.99 5.19
C LEU A 33 16.92 -12.64 3.72
N SER A 34 15.95 -11.95 3.13
CA SER A 34 16.04 -11.54 1.73
C SER A 34 17.26 -10.67 1.49
N GLY A 35 17.52 -9.76 2.43
CA GLY A 35 18.66 -8.86 2.33
C GLY A 35 20.01 -9.55 2.48
N LYS A 36 20.11 -10.49 3.41
CA LYS A 36 21.35 -11.19 3.63
C LYS A 36 21.71 -12.14 2.52
N LEU A 37 20.70 -12.75 1.91
CA LEU A 37 20.92 -13.71 0.86
C LEU A 37 20.81 -13.16 -0.55
N GLY A 38 20.48 -11.88 -0.67
CA GLY A 38 20.37 -11.25 -1.98
C GLY A 38 19.28 -11.82 -2.85
N THR A 39 18.19 -12.26 -2.23
CA THR A 39 17.05 -12.84 -2.91
C THR A 39 15.79 -12.05 -2.60
N PRO A 40 14.95 -11.76 -3.61
CA PRO A 40 13.70 -11.00 -3.42
C PRO A 40 12.84 -11.60 -2.33
N LYS A 41 12.28 -10.76 -1.47
CA LYS A 41 11.44 -11.21 -0.36
C LYS A 41 10.32 -12.16 -0.79
N LYS A 42 9.75 -11.95 -1.97
CA LYS A 42 8.67 -12.80 -2.46
C LYS A 42 9.12 -14.27 -2.59
N GLU A 43 10.29 -14.50 -3.15
CA GLU A 43 10.85 -15.85 -3.31
C GLU A 43 11.13 -16.42 -1.94
N ILE A 44 11.72 -15.60 -1.08
CA ILE A 44 12.04 -16.02 0.28
C ILE A 44 10.77 -16.48 0.98
N ASN A 45 9.76 -15.63 0.98
CA ASN A 45 8.52 -15.98 1.65
C ASN A 45 7.90 -17.26 1.09
N ARG A 46 8.02 -17.45 -0.23
CA ARG A 46 7.46 -18.62 -0.89
C ARG A 46 8.11 -19.84 -0.29
N VAL A 47 9.42 -19.75 -0.05
CA VAL A 47 10.15 -20.86 0.53
C VAL A 47 9.85 -20.98 2.04
N LEU A 48 9.80 -19.85 2.74
CA LEU A 48 9.52 -19.94 4.17
C LEU A 48 8.16 -20.60 4.46
N TYR A 49 7.09 -20.16 3.82
CA TYR A 49 5.80 -20.77 4.08
C TYR A 49 5.79 -22.25 3.71
N SER A 50 6.37 -22.57 2.57
CA SER A 50 6.45 -23.97 2.13
C SER A 50 7.16 -24.85 3.16
N LEU A 51 8.27 -24.35 3.71
CA LEU A 51 9.02 -25.11 4.71
C LEU A 51 8.25 -25.23 6.02
N ALA A 52 7.33 -24.31 6.26
CA ALA A 52 6.52 -24.32 7.48
C ALA A 52 5.43 -25.38 7.31
N LYS A 53 5.01 -25.59 6.06
CA LYS A 53 4.00 -26.60 5.76
C LYS A 53 4.63 -27.97 5.99
N LYS A 54 5.93 -28.08 5.70
CA LYS A 54 6.67 -29.32 5.86
C LYS A 54 7.09 -29.54 7.31
N GLY A 55 6.80 -28.57 8.18
CA GLY A 55 7.15 -28.72 9.58
C GLY A 55 8.55 -28.34 10.03
N LYS A 56 9.44 -28.02 9.09
CA LYS A 56 10.80 -27.64 9.45
C LYS A 56 10.92 -26.24 10.09
N LEU A 57 9.99 -25.34 9.76
CA LEU A 57 10.01 -23.99 10.31
C LEU A 57 8.70 -23.59 10.97
N GLN A 58 8.78 -22.66 11.90
CA GLN A 58 7.59 -22.14 12.59
C GLN A 58 7.44 -20.64 12.32
N LYS A 59 6.24 -20.25 11.91
CA LYS A 59 5.96 -18.84 11.66
C LYS A 59 5.37 -18.25 12.92
N GLU A 60 5.89 -17.12 13.37
CA GLU A 60 5.33 -16.46 14.54
C GLU A 60 4.56 -15.29 13.95
N ALA A 61 3.24 -15.39 13.99
CA ALA A 61 2.41 -14.34 13.42
C ALA A 61 2.75 -12.98 14.00
N GLY A 62 2.64 -11.96 13.15
CA GLY A 62 2.96 -10.62 13.59
C GLY A 62 3.12 -9.72 12.41
N THR A 63 3.60 -8.52 12.65
CA THR A 63 3.79 -7.56 11.58
C THR A 63 5.14 -6.86 11.69
N PRO A 64 6.15 -7.37 10.97
CA PRO A 64 6.00 -8.54 10.10
C PRO A 64 6.15 -9.83 10.87
N PRO A 65 5.83 -10.98 10.26
CA PRO A 65 5.95 -12.26 10.96
C PRO A 65 7.44 -12.58 11.16
N LEU A 66 7.75 -13.42 12.14
CA LEU A 66 9.11 -13.82 12.45
C LEU A 66 9.26 -15.30 12.16
N TRP A 67 10.44 -15.70 11.68
CA TRP A 67 10.62 -17.11 11.36
C TRP A 67 11.80 -17.74 12.09
N LYS A 68 11.69 -19.04 12.36
CA LYS A 68 12.72 -19.80 13.07
C LYS A 68 12.51 -21.30 12.84
N ILE A 69 13.47 -22.12 13.28
CA ILE A 69 13.35 -23.57 13.14
C ILE A 69 12.22 -24.05 14.04
N ALA A 70 11.36 -24.92 13.51
CA ALA A 70 10.21 -25.43 14.25
C ALA A 70 10.47 -26.17 15.56
N VAL A 71 9.37 -26.49 16.24
CA VAL A 71 9.30 -27.17 17.54
C VAL A 71 10.02 -26.38 18.63
N GLN B 9 0.68 9.04 -16.28
CA GLN B 9 -0.58 8.35 -15.89
C GLN B 9 -1.50 8.11 -17.09
N ASP B 10 -0.93 7.61 -18.18
CA ASP B 10 -1.74 7.33 -19.37
C ASP B 10 -2.46 6.04 -19.01
N GLN B 11 -1.76 5.17 -18.28
CA GLN B 11 -2.30 3.90 -17.85
C GLN B 11 -3.59 4.13 -17.08
N GLU B 12 -3.58 5.11 -16.18
CA GLU B 12 -4.77 5.40 -15.40
C GLU B 12 -5.90 5.77 -16.35
N GLN B 13 -5.61 6.64 -17.31
CA GLN B 13 -6.59 7.08 -18.28
C GLN B 13 -7.23 5.87 -18.96
N ARG B 14 -6.42 5.10 -19.70
CA ARG B 14 -6.91 3.93 -20.40
C ARG B 14 -7.91 3.13 -19.58
N ILE B 15 -7.58 2.92 -18.31
CA ILE B 15 -8.44 2.15 -17.43
C ILE B 15 -9.71 2.93 -17.12
N LEU B 16 -9.54 4.23 -16.85
CA LEU B 16 -10.65 5.12 -16.53
C LEU B 16 -11.72 5.12 -17.62
N LYS B 17 -11.28 5.29 -18.88
CA LYS B 17 -12.20 5.31 -20.00
C LYS B 17 -12.93 3.98 -20.03
N PHE B 18 -12.20 2.90 -20.26
CA PHE B 18 -12.81 1.57 -20.34
C PHE B 18 -13.93 1.38 -19.33
N LEU B 19 -13.74 1.92 -18.13
CA LEU B 19 -14.73 1.80 -17.07
C LEU B 19 -15.96 2.70 -17.22
N GLU B 20 -15.79 3.89 -17.79
CA GLU B 20 -16.92 4.81 -17.98
C GLU B 20 -17.70 4.33 -19.20
N GLU B 21 -17.01 3.55 -20.03
CA GLU B 21 -17.53 2.98 -21.26
C GLU B 21 -18.26 1.66 -20.91
N LEU B 22 -18.68 1.54 -19.65
CA LEU B 22 -19.37 0.34 -19.17
C LEU B 22 -20.86 0.53 -18.89
N GLY B 23 -21.62 -0.54 -19.09
CA GLY B 23 -23.05 -0.52 -18.86
C GLY B 23 -23.48 0.12 -17.56
N GLU B 24 -24.57 0.88 -17.65
CA GLU B 24 -25.15 1.61 -16.51
C GLU B 24 -24.77 1.10 -15.13
N GLY B 25 -25.37 0.00 -14.70
CA GLY B 25 -25.09 -0.51 -13.37
C GLY B 25 -24.21 -1.72 -13.23
N LYS B 26 -23.44 -2.05 -14.27
CA LYS B 26 -22.57 -3.21 -14.25
C LYS B 26 -21.17 -2.96 -13.65
N ALA B 27 -20.77 -3.81 -12.71
CA ALA B 27 -19.47 -3.72 -12.04
C ALA B 27 -18.56 -4.87 -12.44
N THR B 28 -17.26 -4.62 -12.58
CA THR B 28 -16.30 -5.63 -13.00
C THR B 28 -15.24 -5.99 -11.95
N THR B 29 -14.23 -6.77 -12.35
CA THR B 29 -13.15 -7.18 -11.45
C THR B 29 -11.78 -6.93 -12.05
N ALA B 30 -10.77 -6.82 -11.18
CA ALA B 30 -9.39 -6.59 -11.63
C ALA B 30 -8.94 -7.74 -12.52
N HIS B 31 -9.33 -8.95 -12.14
CA HIS B 31 -9.01 -10.15 -12.89
C HIS B 31 -9.56 -9.95 -14.31
N ASP B 32 -10.87 -9.71 -14.39
CA ASP B 32 -11.50 -9.49 -15.69
C ASP B 32 -10.85 -8.34 -16.45
N LEU B 33 -10.61 -7.24 -15.75
CA LEU B 33 -9.98 -6.09 -16.39
C LEU B 33 -8.61 -6.47 -16.94
N SER B 34 -7.92 -7.37 -16.25
CA SER B 34 -6.61 -7.82 -16.70
C SER B 34 -6.71 -8.55 -18.02
N GLY B 35 -7.65 -9.49 -18.11
CA GLY B 35 -7.82 -10.25 -19.34
C GLY B 35 -8.31 -9.36 -20.46
N LYS B 36 -9.33 -8.56 -20.17
CA LYS B 36 -9.94 -7.63 -21.12
C LYS B 36 -9.01 -6.49 -21.54
N LEU B 37 -7.90 -6.30 -20.82
CA LEU B 37 -6.97 -5.21 -21.13
C LEU B 37 -5.54 -5.64 -21.41
N GLY B 38 -5.26 -6.93 -21.30
CA GLY B 38 -3.91 -7.41 -21.54
C GLY B 38 -2.92 -6.60 -20.74
N THR B 39 -3.13 -6.56 -19.42
CA THR B 39 -2.27 -5.83 -18.50
C THR B 39 -2.22 -6.60 -17.18
N PRO B 40 -1.05 -6.63 -16.52
CA PRO B 40 -0.93 -7.36 -15.25
C PRO B 40 -1.91 -6.87 -14.19
N LYS B 41 -2.52 -7.81 -13.49
CA LYS B 41 -3.49 -7.48 -12.45
C LYS B 41 -2.88 -6.57 -11.37
N LYS B 42 -1.57 -6.55 -11.28
CA LYS B 42 -0.87 -5.74 -10.28
C LYS B 42 -1.09 -4.26 -10.58
N GLU B 43 -0.81 -3.86 -11.81
CA GLU B 43 -0.98 -2.47 -12.21
C GLU B 43 -2.47 -2.09 -12.22
N ILE B 44 -3.32 -3.00 -12.68
CA ILE B 44 -4.74 -2.75 -12.74
C ILE B 44 -5.22 -2.27 -11.38
N ASN B 45 -4.96 -3.12 -10.38
CA ASN B 45 -5.34 -2.83 -9.01
C ASN B 45 -4.68 -1.57 -8.50
N ARG B 46 -3.42 -1.38 -8.84
CA ARG B 46 -2.73 -0.18 -8.38
C ARG B 46 -3.55 1.03 -8.78
N VAL B 47 -4.07 1.00 -10.00
CA VAL B 47 -4.90 2.09 -10.51
C VAL B 47 -6.28 2.09 -9.86
N LEU B 48 -6.92 0.93 -9.83
CA LEU B 48 -8.25 0.82 -9.24
C LEU B 48 -8.31 1.38 -7.82
N TYR B 49 -7.40 0.97 -6.95
CA TYR B 49 -7.48 1.50 -5.60
C TYR B 49 -7.21 3.00 -5.58
N SER B 50 -6.34 3.48 -6.45
CA SER B 50 -6.05 4.90 -6.49
C SER B 50 -7.29 5.69 -6.94
N LEU B 51 -7.88 5.27 -8.06
CA LEU B 51 -9.08 5.95 -8.55
C LEU B 51 -10.19 5.92 -7.51
N ALA B 52 -10.26 4.85 -6.71
CA ALA B 52 -11.30 4.74 -5.71
C ALA B 52 -11.11 5.79 -4.62
N LYS B 53 -9.87 5.96 -4.19
CA LYS B 53 -9.53 6.92 -3.15
C LYS B 53 -9.78 8.31 -3.74
N LYS B 54 -9.49 8.48 -5.03
CA LYS B 54 -9.72 9.75 -5.72
C LYS B 54 -11.21 9.97 -5.99
N GLY B 55 -12.05 9.04 -5.53
CA GLY B 55 -13.48 9.18 -5.72
C GLY B 55 -14.03 9.00 -7.12
N LYS B 56 -13.21 8.52 -8.05
CA LYS B 56 -13.69 8.32 -9.42
C LYS B 56 -14.32 6.95 -9.63
N LEU B 57 -14.10 6.04 -8.67
CA LEU B 57 -14.65 4.70 -8.74
C LEU B 57 -15.16 4.27 -7.38
N GLN B 58 -15.92 3.18 -7.35
CA GLN B 58 -16.42 2.66 -6.08
C GLN B 58 -16.17 1.16 -6.03
N LYS B 59 -15.80 0.67 -4.84
CA LYS B 59 -15.52 -0.74 -4.67
C LYS B 59 -16.50 -1.36 -3.67
N GLU B 60 -16.95 -2.57 -3.99
CA GLU B 60 -17.88 -3.30 -3.13
C GLU B 60 -17.44 -4.76 -3.03
N ALA B 61 -18.32 -5.63 -2.52
CA ALA B 61 -18.01 -7.05 -2.36
C ALA B 61 -16.78 -7.25 -1.47
N GLY B 62 -16.23 -8.45 -1.50
CA GLY B 62 -15.06 -8.73 -0.67
C GLY B 62 -14.02 -9.59 -1.35
N THR B 63 -14.39 -10.84 -1.63
CA THR B 63 -13.49 -11.79 -2.27
C THR B 63 -14.03 -12.30 -3.60
N PRO B 64 -13.70 -11.63 -4.71
CA PRO B 64 -12.85 -10.43 -4.79
C PRO B 64 -13.67 -9.14 -4.67
N PRO B 65 -13.09 -8.01 -5.10
CA PRO B 65 -13.79 -6.72 -5.05
C PRO B 65 -14.37 -6.42 -6.43
N LEU B 66 -15.52 -5.75 -6.45
CA LEU B 66 -16.17 -5.39 -7.71
C LEU B 66 -16.04 -3.88 -7.94
N TRP B 67 -15.62 -3.51 -9.14
CA TRP B 67 -15.41 -2.12 -9.49
C TRP B 67 -16.31 -1.54 -10.57
N LYS B 68 -16.86 -0.37 -10.30
CA LYS B 68 -17.71 0.35 -11.24
C LYS B 68 -17.59 1.85 -10.95
N ILE B 69 -17.92 2.69 -11.94
CA ILE B 69 -17.85 4.13 -11.78
C ILE B 69 -18.67 4.56 -10.56
N ALA B 70 -18.18 5.57 -9.84
CA ALA B 70 -18.87 6.07 -8.63
C ALA B 70 -19.97 7.07 -8.94
N VAL B 71 -21.04 7.03 -8.16
CA VAL B 71 -22.17 7.95 -8.35
C VAL B 71 -22.31 8.91 -7.19
N SER C 6 -9.30 7.46 17.18
CA SER C 6 -7.94 7.32 16.58
C SER C 6 -7.14 8.60 16.70
N ILE C 7 -5.85 8.45 16.98
CA ILE C 7 -4.98 9.59 17.12
C ILE C 7 -4.78 10.19 15.72
N TYR C 8 -4.50 9.34 14.74
CA TYR C 8 -4.29 9.78 13.37
C TYR C 8 -5.52 10.50 12.82
N GLN C 9 -6.71 9.97 13.11
CA GLN C 9 -7.94 10.59 12.63
C GLN C 9 -8.14 11.94 13.28
N ASP C 10 -7.75 12.06 14.55
CA ASP C 10 -7.86 13.34 15.23
C ASP C 10 -6.98 14.35 14.49
N GLN C 11 -5.79 13.95 14.07
CA GLN C 11 -4.89 14.85 13.34
C GLN C 11 -5.52 15.28 11.99
N GLU C 12 -6.13 14.36 11.26
CA GLU C 12 -6.74 14.74 9.98
C GLU C 12 -7.78 15.82 10.22
N GLN C 13 -8.59 15.64 11.26
CA GLN C 13 -9.61 16.62 11.59
C GLN C 13 -9.00 17.95 12.01
N ARG C 14 -7.90 17.93 12.78
CA ARG C 14 -7.30 19.22 13.17
C ARG C 14 -6.77 19.93 11.93
N ILE C 15 -6.14 19.18 11.03
CA ILE C 15 -5.62 19.80 9.84
C ILE C 15 -6.75 20.36 8.98
N LEU C 16 -7.78 19.56 8.78
CA LEU C 16 -8.88 19.99 7.95
C LEU C 16 -9.56 21.21 8.55
N LYS C 17 -9.67 21.25 9.87
CA LYS C 17 -10.32 22.36 10.52
C LYS C 17 -9.48 23.62 10.47
N PHE C 18 -8.16 23.45 10.55
CA PHE C 18 -7.27 24.61 10.50
C PHE C 18 -7.45 25.26 9.11
N LEU C 19 -7.50 24.44 8.07
CA LEU C 19 -7.65 24.99 6.74
C LEU C 19 -9.04 25.61 6.53
N GLU C 20 -10.09 25.01 7.11
CA GLU C 20 -11.44 25.54 6.94
C GLU C 20 -11.56 26.91 7.58
N GLU C 21 -10.74 27.14 8.61
CA GLU C 21 -10.76 28.41 9.31
C GLU C 21 -9.73 29.42 8.81
N LEU C 22 -8.84 28.96 7.95
CA LEU C 22 -7.80 29.82 7.38
C LEU C 22 -8.47 30.81 6.42
N GLY C 23 -9.37 30.27 5.62
CA GLY C 23 -10.08 31.06 4.64
C GLY C 23 -10.38 30.17 3.43
N GLU C 24 -10.41 30.78 2.25
CA GLU C 24 -10.70 30.09 0.98
C GLU C 24 -9.58 30.38 -0.02
N GLY C 25 -9.37 31.67 -0.29
CA GLY C 25 -8.33 32.08 -1.20
C GLY C 25 -7.01 32.11 -0.46
N LYS C 26 -6.98 31.43 0.68
CA LYS C 26 -5.80 31.34 1.52
C LYS C 26 -5.22 29.94 1.43
N ALA C 27 -3.90 29.88 1.38
CA ALA C 27 -3.19 28.62 1.31
C ALA C 27 -2.08 28.63 2.35
N THR C 28 -1.62 27.44 2.74
CA THR C 28 -0.54 27.37 3.70
C THR C 28 0.34 26.18 3.37
N THR C 29 1.55 26.20 3.91
CA THR C 29 2.51 25.11 3.69
C THR C 29 2.46 24.04 4.78
N ALA C 30 3.08 22.90 4.50
CA ALA C 30 3.15 21.83 5.48
C ALA C 30 4.01 22.37 6.63
N HIS C 31 4.97 23.24 6.31
CA HIS C 31 5.83 23.79 7.36
C HIS C 31 5.07 24.65 8.37
N ASP C 32 4.17 25.51 7.89
CA ASP C 32 3.38 26.38 8.76
C ASP C 32 2.43 25.54 9.58
N LEU C 33 1.75 24.61 8.93
CA LEU C 33 0.80 23.70 9.60
C LEU C 33 1.50 22.97 10.73
N SER C 34 2.64 22.37 10.38
CA SER C 34 3.45 21.63 11.33
C SER C 34 3.76 22.48 12.55
N GLY C 35 4.18 23.73 12.32
CA GLY C 35 4.50 24.62 13.42
C GLY C 35 3.30 25.06 14.23
N LYS C 36 2.18 25.36 13.58
CA LYS C 36 1.00 25.79 14.31
C LYS C 36 0.38 24.67 15.10
N LEU C 37 0.43 23.45 14.59
CA LEU C 37 -0.19 22.33 15.29
C LEU C 37 0.82 21.54 16.14
N GLY C 38 2.07 22.00 16.15
CA GLY C 38 3.09 21.29 16.91
C GLY C 38 3.12 19.82 16.55
N THR C 39 3.03 19.53 15.26
CA THR C 39 3.05 18.17 14.75
C THR C 39 4.19 18.05 13.74
N PRO C 40 4.93 16.92 13.74
CA PRO C 40 6.03 16.76 12.79
C PRO C 40 5.60 16.94 11.34
N LYS C 41 6.38 17.69 10.57
CA LYS C 41 6.08 17.95 9.16
C LYS C 41 5.79 16.66 8.40
N LYS C 42 6.55 15.61 8.69
CA LYS C 42 6.34 14.34 8.03
C LYS C 42 4.90 13.87 8.18
N GLU C 43 4.36 13.92 9.39
CA GLU C 43 2.97 13.47 9.59
C GLU C 43 2.02 14.40 8.88
N ILE C 44 2.32 15.70 8.92
CA ILE C 44 1.48 16.68 8.26
C ILE C 44 1.38 16.37 6.78
N ASN C 45 2.52 16.15 6.14
CA ASN C 45 2.50 15.87 4.72
C ASN C 45 1.79 14.56 4.41
N ARG C 46 1.86 13.59 5.32
CA ARG C 46 1.18 12.33 5.05
C ARG C 46 -0.30 12.62 4.87
N VAL C 47 -0.88 13.33 5.83
CA VAL C 47 -2.29 13.66 5.77
C VAL C 47 -2.63 14.54 4.59
N LEU C 48 -1.86 15.60 4.40
CA LEU C 48 -2.12 16.53 3.31
C LEU C 48 -2.20 15.84 1.95
N TYR C 49 -1.20 15.02 1.64
CA TYR C 49 -1.22 14.31 0.36
C TYR C 49 -2.36 13.30 0.37
N SER C 50 -2.62 12.70 1.51
CA SER C 50 -3.72 11.75 1.60
C SER C 50 -5.06 12.43 1.33
N LEU C 51 -5.20 13.67 1.76
CA LEU C 51 -6.44 14.42 1.58
C LEU C 51 -6.56 15.02 0.19
N ALA C 52 -5.42 15.41 -0.40
CA ALA C 52 -5.45 15.99 -1.73
C ALA C 52 -5.88 14.85 -2.65
N LYS C 53 -5.42 13.66 -2.29
CA LYS C 53 -5.73 12.47 -3.04
C LYS C 53 -7.25 12.30 -3.07
N LYS C 54 -7.86 12.36 -1.89
CA LYS C 54 -9.31 12.22 -1.76
C LYS C 54 -10.07 13.44 -2.23
N GLY C 55 -9.43 14.26 -3.05
CA GLY C 55 -10.07 15.46 -3.56
C GLY C 55 -10.49 16.48 -2.52
N LYS C 56 -10.31 16.16 -1.25
CA LYS C 56 -10.68 17.06 -0.17
C LYS C 56 -9.79 18.30 -0.08
N LEU C 57 -8.56 18.21 -0.59
CA LEU C 57 -7.66 19.35 -0.57
C LEU C 57 -7.12 19.65 -1.97
N GLN C 58 -6.60 20.85 -2.15
CA GLN C 58 -6.05 21.29 -3.41
C GLN C 58 -4.60 21.73 -3.19
N LYS C 59 -3.70 21.16 -3.97
CA LYS C 59 -2.29 21.47 -3.87
C LYS C 59 -1.87 22.45 -4.96
N GLU C 60 -1.16 23.50 -4.57
CA GLU C 60 -0.68 24.49 -5.53
C GLU C 60 0.82 24.28 -5.71
N ALA C 61 1.22 23.95 -6.92
CA ALA C 61 2.63 23.72 -7.21
C ALA C 61 3.43 24.85 -6.57
N GLY C 62 4.69 24.55 -6.27
CA GLY C 62 5.56 25.52 -5.65
C GLY C 62 6.59 24.79 -4.83
N THR C 63 7.51 25.54 -4.26
CA THR C 63 8.56 24.97 -3.44
C THR C 63 8.72 25.90 -2.23
N PRO C 64 8.11 25.52 -1.11
CA PRO C 64 7.31 24.31 -0.90
C PRO C 64 5.90 24.39 -1.48
N PRO C 65 5.20 23.26 -1.59
CA PRO C 65 3.84 23.26 -2.12
C PRO C 65 2.90 24.03 -1.17
N LEU C 66 1.86 24.65 -1.73
CA LEU C 66 0.87 25.38 -0.94
C LEU C 66 -0.42 24.57 -0.89
N TRP C 67 -1.08 24.58 0.26
CA TRP C 67 -2.29 23.80 0.43
C TRP C 67 -3.51 24.58 0.91
N LYS C 68 -4.66 24.25 0.34
CA LYS C 68 -5.92 24.90 0.72
C LYS C 68 -7.11 23.96 0.50
N ILE C 69 -8.26 24.36 1.03
CA ILE C 69 -9.48 23.59 0.87
C ILE C 69 -9.82 23.59 -0.63
#